data_5MRP
#
_entry.id   5MRP
#
_cell.length_a   74.990
_cell.length_b   74.990
_cell.length_c   221.720
_cell.angle_alpha   90.00
_cell.angle_beta   90.00
_cell.angle_gamma   120.00
#
_symmetry.space_group_name_H-M   'H 3 2'
#
loop_
_entity.id
_entity.type
_entity.pdbx_description
1 polymer '2-C-methyl-D-erythritol 4-phosphate cytidylyltransferase, chloroplastic'
2 non-polymer 5-chloro-7-hydroxy-6-(phenylmethyl)pyrazolo[1,5-a]pyrimidine-3-carbonitrile
3 non-polymer 'POTASSIUM ION'
4 non-polymer 'CADMIUM ION'
5 water water
#
_entity_poly.entity_id   1
_entity_poly.type   'polypeptide(L)'
_entity_poly.pdbx_seq_one_letter_code
;MEKSVSVILLAGGQGKRMKMSMPKQYIPLLGQPIALYSFFTFSRMPEVKEIVVVCDPFFRDIFEEYEESIDVDLSFAIPG
KERQDSVYSGLQEIDVNSELVCIHDSARPLVNTEDVEKVLKDGSAVGAAVLGVPAKATIKEVNSDSLVVKTLDRKTLWEM
QTPQVIKPELLKKGFELVKSEGLAVTDDVSIVEYLKHPVYVSQGSYTNIKVTTPDDLLLAERILSEDS
;
_entity_poly.pdbx_strand_id   A
#
loop_
_chem_comp.id
_chem_comp.type
_chem_comp.name
_chem_comp.formula
6BC non-polymer 5-chloro-7-hydroxy-6-(phenylmethyl)pyrazolo[1,5-a]pyrimidine-3-carbonitrile 'C14 H9 Cl N4 O'
CD non-polymer 'CADMIUM ION' 'Cd 2'
K non-polymer 'POTASSIUM ION' 'K 1'
#
# COMPACT_ATOMS: atom_id res chain seq x y z
N GLU A 2 -12.36 5.02 -14.86
CA GLU A 2 -13.33 4.86 -13.73
C GLU A 2 -13.62 3.39 -13.42
N LYS A 3 -13.67 3.06 -12.14
CA LYS A 3 -13.90 1.68 -11.66
C LYS A 3 -12.93 0.67 -12.31
N SER A 4 -11.67 1.09 -12.49
CA SER A 4 -10.62 0.24 -13.06
C SER A 4 -9.60 -0.26 -12.03
N VAL A 5 -9.63 0.30 -10.82
CA VAL A 5 -8.64 0.00 -9.79
C VAL A 5 -9.28 -0.79 -8.65
N SER A 6 -8.59 -1.86 -8.23
CA SER A 6 -8.93 -2.58 -7.01
C SER A 6 -7.90 -2.24 -5.95
N VAL A 7 -8.36 -1.74 -4.81
CA VAL A 7 -7.45 -1.44 -3.71
C VAL A 7 -7.35 -2.67 -2.81
N ILE A 8 -6.11 -3.04 -2.47
CA ILE A 8 -5.86 -4.03 -1.42
C ILE A 8 -5.37 -3.23 -0.22
N LEU A 9 -6.22 -3.13 0.81
CA LEU A 9 -5.89 -2.33 1.97
C LEU A 9 -5.36 -3.26 3.06
N LEU A 10 -4.07 -3.09 3.41
CA LEU A 10 -3.40 -3.97 4.37
C LEU A 10 -3.63 -3.50 5.81
N ALA A 11 -4.41 -4.30 6.56
CA ALA A 11 -4.73 -4.00 7.97
C ALA A 11 -4.67 -5.26 8.85
N GLY A 12 -3.67 -6.12 8.60
CA GLY A 12 -3.50 -7.36 9.35
C GLY A 12 -2.85 -7.11 10.70
N PRO A 23 -3.53 -2.83 18.52
CA PRO A 23 -2.99 -2.87 17.15
C PRO A 23 -3.03 -1.49 16.51
N LYS A 24 -1.87 -1.05 16.03
CA LYS A 24 -1.59 0.39 15.82
C LYS A 24 -2.45 1.07 14.74
N GLN A 25 -2.92 0.30 13.76
CA GLN A 25 -3.77 0.84 12.68
C GLN A 25 -5.25 1.02 13.08
N TYR A 26 -5.61 0.62 14.31
CA TYR A 26 -6.96 0.85 14.85
C TYR A 26 -7.03 1.84 16.01
N ILE A 27 -5.88 2.36 16.46
CA ILE A 27 -5.86 3.43 17.46
C ILE A 27 -6.50 4.64 16.78
N PRO A 28 -7.52 5.26 17.43
CA PRO A 28 -8.12 6.44 16.83
C PRO A 28 -7.20 7.63 16.60
N LEU A 29 -7.45 8.31 15.50
CA LEU A 29 -6.88 9.59 15.15
C LEU A 29 -8.09 10.53 15.06
N LEU A 30 -8.17 11.50 15.97
CA LEU A 30 -9.35 12.37 16.09
C LEU A 30 -10.67 11.58 16.05
N GLY A 31 -10.73 10.51 16.84
CA GLY A 31 -11.94 9.68 16.98
C GLY A 31 -12.17 8.57 15.98
N GLN A 32 -11.44 8.59 14.86
CA GLN A 32 -11.61 7.60 13.80
C GLN A 32 -10.39 6.67 13.82
N PRO A 33 -10.61 5.33 13.81
CA PRO A 33 -9.45 4.43 13.68
C PRO A 33 -8.59 4.78 12.47
N ILE A 34 -7.28 4.76 12.66
CA ILE A 34 -6.32 5.08 11.60
C ILE A 34 -6.64 4.42 10.25
N ALA A 35 -7.01 3.14 10.27
CA ALA A 35 -7.28 2.39 9.05
C ALA A 35 -8.42 2.95 8.19
N LEU A 36 -9.36 3.67 8.81
CA LEU A 36 -10.51 4.20 8.08
C LEU A 36 -10.21 5.44 7.23
N TYR A 37 -9.17 6.18 7.56
CA TYR A 37 -8.81 7.39 6.81
C TYR A 37 -8.49 7.08 5.34
N SER A 38 -7.55 6.17 5.11
CA SER A 38 -7.18 5.77 3.76
C SER A 38 -8.33 5.03 3.08
N PHE A 39 -9.03 4.19 3.83
CA PHE A 39 -10.22 3.47 3.35
C PHE A 39 -11.21 4.45 2.69
N PHE A 40 -11.48 5.56 3.36
CA PHE A 40 -12.40 6.57 2.86
C PHE A 40 -11.83 7.37 1.69
N THR A 41 -10.55 7.72 1.79
CA THR A 41 -9.86 8.40 0.69
C THR A 41 -9.99 7.61 -0.62
N PHE A 42 -9.76 6.30 -0.54
CA PHE A 42 -9.91 5.44 -1.72
C PHE A 42 -11.37 5.31 -2.16
N SER A 43 -12.31 5.18 -1.21
CA SER A 43 -13.74 4.99 -1.55
C SER A 43 -14.35 6.11 -2.40
N ARG A 44 -13.91 7.34 -2.14
CA ARG A 44 -14.41 8.52 -2.85
C ARG A 44 -13.82 8.74 -4.24
N MET A 45 -12.76 8.00 -4.60
CA MET A 45 -12.16 8.09 -5.92
C MET A 45 -12.99 7.30 -6.95
N PRO A 46 -13.49 7.96 -8.02
CA PRO A 46 -14.22 7.23 -9.05
C PRO A 46 -13.40 6.17 -9.80
N GLU A 47 -12.07 6.29 -9.80
CA GLU A 47 -11.19 5.23 -10.34
C GLU A 47 -11.33 3.90 -9.62
N VAL A 48 -11.61 3.95 -8.32
CA VAL A 48 -11.60 2.76 -7.47
C VAL A 48 -12.94 2.02 -7.61
N LYS A 49 -12.90 0.77 -8.07
CA LYS A 49 -14.09 -0.09 -8.19
C LYS A 49 -14.40 -0.74 -6.85
N GLU A 50 -13.37 -1.28 -6.21
CA GLU A 50 -13.52 -2.07 -4.99
C GLU A 50 -12.33 -1.90 -4.05
N ILE A 51 -12.58 -2.13 -2.76
CA ILE A 51 -11.54 -2.24 -1.73
C ILE A 51 -11.61 -3.64 -1.11
N VAL A 52 -10.52 -4.39 -1.26
CA VAL A 52 -10.34 -5.65 -0.57
C VAL A 52 -9.58 -5.35 0.72
N VAL A 53 -10.26 -5.42 1.87
CA VAL A 53 -9.61 -5.17 3.14
C VAL A 53 -9.00 -6.47 3.64
N VAL A 54 -7.71 -6.42 4.00
CA VAL A 54 -7.00 -7.57 4.54
C VAL A 54 -6.86 -7.34 6.04
N CYS A 55 -7.63 -8.07 6.84
CA CYS A 55 -7.64 -7.86 8.29
C CYS A 55 -8.08 -9.09 9.05
N ASP A 56 -7.64 -9.22 10.31
CA ASP A 56 -8.15 -10.24 11.22
C ASP A 56 -9.67 -10.07 11.29
N PRO A 57 -10.44 -11.17 11.08
CA PRO A 57 -11.91 -10.99 11.06
C PRO A 57 -12.52 -10.30 12.31
N PHE A 58 -11.83 -10.36 13.46
CA PHE A 58 -12.19 -9.59 14.66
C PHE A 58 -12.50 -8.10 14.40
N PHE A 59 -11.77 -7.47 13.46
CA PHE A 59 -11.99 -6.05 13.12
C PHE A 59 -12.78 -5.78 11.84
N ARG A 60 -13.43 -6.77 11.24
CA ARG A 60 -14.23 -6.55 10.01
C ARG A 60 -15.28 -5.47 10.18
N ASP A 61 -15.94 -5.48 11.34
CA ASP A 61 -16.96 -4.48 11.71
C ASP A 61 -16.55 -3.04 11.48
N ILE A 62 -15.29 -2.72 11.80
CA ILE A 62 -14.77 -1.35 11.69
C ILE A 62 -15.01 -0.80 10.29
N PHE A 63 -14.79 -1.65 9.28
CA PHE A 63 -15.00 -1.29 7.86
C PHE A 63 -16.44 -1.59 7.42
N GLU A 64 -17.00 -2.69 7.90
CA GLU A 64 -18.32 -3.17 7.49
C GLU A 64 -19.48 -2.19 7.72
N GLU A 65 -19.40 -1.39 8.78
CA GLU A 65 -20.41 -0.36 9.10
C GLU A 65 -20.73 0.60 7.94
N TYR A 66 -19.79 0.82 7.02
CA TYR A 66 -19.89 1.87 5.99
C TYR A 66 -20.18 1.39 4.56
N GLU A 67 -20.52 0.13 4.37
CA GLU A 67 -20.62 -0.47 3.03
C GLU A 67 -21.63 0.18 2.07
N GLU A 68 -22.82 0.49 2.55
CA GLU A 68 -23.85 1.12 1.70
C GLU A 68 -23.60 2.62 1.49
N SER A 69 -22.87 3.26 2.42
CA SER A 69 -22.54 4.69 2.33
C SER A 69 -21.31 5.04 1.47
N ILE A 70 -20.43 4.07 1.23
CA ILE A 70 -19.29 4.24 0.30
C ILE A 70 -19.70 3.85 -1.12
N ASP A 71 -19.04 4.42 -2.14
CA ASP A 71 -19.32 4.06 -3.54
C ASP A 71 -18.22 3.15 -4.15
N VAL A 72 -17.92 2.08 -3.43
CA VAL A 72 -17.06 0.98 -3.90
C VAL A 72 -17.62 -0.35 -3.40
N ASP A 73 -17.28 -1.45 -4.08
CA ASP A 73 -17.60 -2.79 -3.55
C ASP A 73 -16.60 -3.11 -2.44
N LEU A 74 -17.08 -3.63 -1.31
CA LEU A 74 -16.22 -3.99 -0.18
C LEU A 74 -16.04 -5.50 -0.13
N SER A 75 -14.79 -5.95 -0.08
CA SER A 75 -14.46 -7.36 0.05
C SER A 75 -13.47 -7.55 1.17
N PHE A 76 -13.30 -8.79 1.60
CA PHE A 76 -12.41 -9.11 2.70
C PHE A 76 -11.47 -10.24 2.35
N ALA A 77 -10.30 -10.22 2.99
CA ALA A 77 -9.32 -11.30 2.83
C ALA A 77 -8.62 -11.53 4.15
N ILE A 78 -8.20 -12.77 4.35
CA ILE A 78 -7.53 -13.20 5.57
C ILE A 78 -6.04 -12.86 5.47
N PRO A 79 -5.44 -12.28 6.53
CA PRO A 79 -4.00 -12.02 6.47
C PRO A 79 -3.16 -13.29 6.52
N GLY A 80 -1.87 -13.14 6.29
CA GLY A 80 -0.90 -14.23 6.42
C GLY A 80 0.25 -13.79 7.28
N LYS A 81 1.28 -14.65 7.34
CA LYS A 81 2.41 -14.48 8.27
C LYS A 81 3.24 -13.23 8.00
N GLU A 82 3.58 -13.01 6.74
CA GLU A 82 4.39 -11.87 6.31
C GLU A 82 3.55 -10.95 5.44
N ARG A 83 4.00 -9.70 5.27
CA ARG A 83 3.27 -8.72 4.46
C ARG A 83 2.94 -9.24 3.06
N GLN A 84 3.90 -9.91 2.41
CA GLN A 84 3.68 -10.50 1.07
C GLN A 84 2.56 -11.55 1.02
N ASP A 85 2.40 -12.31 2.09
CA ASP A 85 1.30 -13.29 2.19
C ASP A 85 -0.05 -12.57 2.26
N SER A 86 -0.10 -11.48 3.03
CA SER A 86 -1.29 -10.64 3.13
C SER A 86 -1.62 -9.97 1.79
N VAL A 87 -0.58 -9.50 1.08
CA VAL A 87 -0.74 -8.95 -0.27
C VAL A 87 -1.34 -10.02 -1.18
N TYR A 88 -0.76 -11.22 -1.15
CA TYR A 88 -1.25 -12.33 -1.98
C TYR A 88 -2.71 -12.71 -1.71
N SER A 89 -3.09 -12.73 -0.44
CA SER A 89 -4.46 -13.09 -0.06
C SER A 89 -5.49 -12.11 -0.63
N GLY A 90 -5.20 -10.81 -0.47
CA GLY A 90 -6.01 -9.74 -1.06
C GLY A 90 -6.13 -9.84 -2.57
N LEU A 91 -5.01 -10.14 -3.22
CA LEU A 91 -4.97 -10.33 -4.68
C LEU A 91 -5.96 -11.39 -5.19
N GLN A 92 -6.20 -12.44 -4.41
CA GLN A 92 -7.15 -13.49 -4.81
C GLN A 92 -8.61 -13.03 -4.92
N GLU A 93 -8.96 -11.87 -4.34
CA GLU A 93 -10.35 -11.38 -4.31
C GLU A 93 -10.77 -10.30 -5.35
N ILE A 94 -9.85 -9.77 -6.17
CA ILE A 94 -10.17 -8.61 -7.07
C ILE A 94 -11.06 -8.94 -8.32
N ASP A 95 -11.82 -7.95 -8.89
CA ASP A 95 -12.76 -8.16 -10.08
C ASP A 95 -11.89 -8.80 -11.16
N VAL A 96 -12.45 -9.78 -11.86
CA VAL A 96 -11.69 -10.53 -12.87
C VAL A 96 -11.16 -9.64 -14.02
N ASN A 97 -11.66 -8.40 -14.10
CA ASN A 97 -11.32 -7.44 -15.15
C ASN A 97 -10.71 -6.12 -14.62
N SER A 98 -10.21 -6.09 -13.38
CA SER A 98 -9.54 -4.91 -12.85
C SER A 98 -8.26 -4.68 -13.62
N GLU A 99 -7.99 -3.45 -14.00
CA GLU A 99 -6.83 -3.13 -14.83
C GLU A 99 -5.58 -2.82 -13.96
N LEU A 100 -5.81 -2.51 -12.67
CA LEU A 100 -4.77 -2.09 -11.74
C LEU A 100 -5.10 -2.54 -10.32
N VAL A 101 -4.09 -2.99 -9.58
CA VAL A 101 -4.23 -3.22 -8.13
C VAL A 101 -3.39 -2.20 -7.37
N CYS A 102 -3.97 -1.65 -6.31
CA CYS A 102 -3.43 -0.54 -5.54
C CYS A 102 -3.25 -1.01 -4.10
N ILE A 103 -2.02 -1.31 -3.71
CA ILE A 103 -1.72 -1.92 -2.41
C ILE A 103 -1.35 -0.83 -1.43
N HIS A 104 -2.08 -0.74 -0.31
CA HIS A 104 -1.85 0.31 0.67
C HIS A 104 -1.75 -0.23 2.09
N ASP A 105 -0.75 0.28 2.82
CA ASP A 105 -0.58 0.01 4.24
C ASP A 105 -1.56 0.91 4.98
N SER A 106 -2.54 0.33 5.67
CA SER A 106 -3.53 1.12 6.44
C SER A 106 -2.91 1.98 7.55
N ALA A 107 -1.69 1.65 7.98
CA ALA A 107 -0.93 2.50 8.89
C ALA A 107 -0.49 3.87 8.30
N ARG A 108 -0.73 4.10 7.01
CA ARG A 108 -0.53 5.41 6.40
C ARG A 108 -1.89 6.10 6.15
N PRO A 109 -2.46 6.75 7.19
CA PRO A 109 -3.82 7.31 7.05
C PRO A 109 -3.90 8.61 6.25
N LEU A 110 -2.78 9.31 6.12
CA LEU A 110 -2.75 10.67 5.61
C LEU A 110 -2.42 10.80 4.12
N VAL A 111 -2.38 9.69 3.39
CA VAL A 111 -2.11 9.77 1.95
C VAL A 111 -3.11 10.71 1.24
N ASN A 112 -2.59 11.62 0.40
CA ASN A 112 -3.41 12.60 -0.32
C ASN A 112 -4.05 11.99 -1.54
N THR A 113 -5.31 12.34 -1.81
CA THR A 113 -5.97 11.89 -3.03
C THR A 113 -5.14 12.22 -4.27
N GLU A 114 -4.57 13.43 -4.29
CA GLU A 114 -3.76 13.91 -5.41
C GLU A 114 -2.55 13.01 -5.67
N ASP A 115 -1.92 12.54 -4.60
CA ASP A 115 -0.79 11.61 -4.69
C ASP A 115 -1.25 10.20 -5.10
N VAL A 116 -2.41 9.77 -4.63
CA VAL A 116 -2.98 8.52 -5.08
C VAL A 116 -3.22 8.62 -6.59
N GLU A 117 -3.83 9.72 -7.05
CA GLU A 117 -4.06 9.96 -8.48
C GLU A 117 -2.76 9.85 -9.29
N LYS A 118 -1.70 10.47 -8.78
CA LYS A 118 -0.40 10.42 -9.47
C LYS A 118 0.14 8.99 -9.61
N VAL A 119 0.17 8.25 -8.49
CA VAL A 119 0.72 6.89 -8.54
C VAL A 119 -0.14 5.91 -9.34
N LEU A 120 -1.46 6.12 -9.33
CA LEU A 120 -2.34 5.37 -10.22
C LEU A 120 -2.02 5.64 -11.69
N LYS A 121 -1.85 6.92 -12.04
CA LYS A 121 -1.48 7.32 -13.40
C LYS A 121 -0.18 6.66 -13.84
N ASP A 122 0.83 6.75 -12.97
CA ASP A 122 2.15 6.22 -13.27
C ASP A 122 2.16 4.69 -13.33
N GLY A 123 1.37 4.06 -12.47
CA GLY A 123 1.20 2.62 -12.49
C GLY A 123 0.56 2.14 -13.77
N SER A 124 -0.46 2.85 -14.23
CA SER A 124 -1.12 2.54 -15.50
C SER A 124 -0.15 2.66 -16.69
N ALA A 125 0.59 3.77 -16.74
CA ALA A 125 1.54 4.04 -17.81
C ALA A 125 2.71 3.06 -17.84
N VAL A 126 3.31 2.82 -16.68
CA VAL A 126 4.56 2.05 -16.59
C VAL A 126 4.34 0.56 -16.32
N GLY A 127 3.24 0.21 -15.65
CA GLY A 127 2.96 -1.15 -15.23
C GLY A 127 3.13 -1.39 -13.74
N ALA A 128 4.08 -0.67 -13.12
CA ALA A 128 4.29 -0.73 -11.68
C ALA A 128 4.82 0.63 -11.22
N ALA A 129 4.26 1.14 -10.13
CA ALA A 129 4.67 2.42 -9.55
C ALA A 129 4.43 2.46 -8.06
N VAL A 130 5.23 3.27 -7.37
CA VAL A 130 5.15 3.36 -5.92
C VAL A 130 5.41 4.81 -5.53
N LEU A 131 4.70 5.30 -4.52
CA LEU A 131 4.96 6.65 -4.01
C LEU A 131 6.29 6.63 -3.27
N GLY A 132 7.09 7.67 -3.47
CA GLY A 132 8.33 7.84 -2.72
C GLY A 132 8.65 9.28 -2.49
N VAL A 133 9.55 9.54 -1.55
CA VAL A 133 10.07 10.88 -1.30
C VAL A 133 11.59 10.81 -1.19
N PRO A 134 12.29 11.92 -1.49
CA PRO A 134 13.75 11.88 -1.30
C PRO A 134 14.11 11.61 0.16
N ALA A 135 15.02 10.65 0.39
CA ALA A 135 15.47 10.35 1.75
C ALA A 135 16.29 11.55 2.23
N LYS A 136 15.91 12.13 3.36
CA LYS A 136 16.55 13.35 3.86
C LYS A 136 17.92 13.04 4.51
N ALA A 137 17.94 12.02 5.38
CA ALA A 137 19.16 11.63 6.10
C ALA A 137 20.31 11.17 5.19
N THR A 138 21.53 11.23 5.70
CA THR A 138 22.67 10.62 5.03
C THR A 138 22.54 9.12 5.19
N ILE A 139 22.32 8.41 4.08
CA ILE A 139 22.16 6.96 4.09
C ILE A 139 23.23 6.34 3.17
N LYS A 140 23.85 5.26 3.64
CA LYS A 140 24.98 4.65 2.92
C LYS A 140 24.90 3.16 2.90
N GLU A 141 25.41 2.56 1.83
CA GLU A 141 25.58 1.12 1.77
C GLU A 141 26.77 0.74 2.65
N VAL A 142 26.60 -0.32 3.43
CA VAL A 142 27.64 -0.80 4.34
C VAL A 142 27.86 -2.28 4.05
N ASN A 143 29.12 -2.68 3.92
CA ASN A 143 29.48 -4.07 3.60
C ASN A 143 29.57 -4.92 4.88
N SER A 144 29.92 -6.20 4.71
CA SER A 144 29.94 -7.15 5.82
C SER A 144 31.02 -6.85 6.88
N ASP A 145 32.07 -6.11 6.49
CA ASP A 145 33.09 -5.63 7.43
C ASP A 145 32.79 -4.24 8.03
N SER A 146 31.52 -3.80 7.97
CA SER A 146 31.03 -2.57 8.61
C SER A 146 31.63 -1.28 8.01
N LEU A 147 32.08 -1.34 6.76
CA LEU A 147 32.70 -0.21 6.09
C LEU A 147 31.75 0.40 5.09
N VAL A 148 31.82 1.72 4.94
CA VAL A 148 31.05 2.42 3.93
C VAL A 148 31.52 1.97 2.54
N VAL A 149 30.59 1.56 1.67
CA VAL A 149 30.92 1.21 0.27
C VAL A 149 30.95 2.52 -0.53
N LYS A 150 32.13 2.86 -1.08
CA LYS A 150 32.36 4.20 -1.67
C LYS A 150 31.83 4.37 -3.09
N THR A 156 20.74 9.00 -6.21
CA THR A 156 19.80 9.54 -5.24
C THR A 156 18.96 8.43 -4.62
N LEU A 157 18.86 8.44 -3.29
CA LEU A 157 18.06 7.47 -2.56
C LEU A 157 16.69 8.04 -2.24
N TRP A 158 15.67 7.20 -2.39
CA TRP A 158 14.28 7.58 -2.18
C TRP A 158 13.68 6.63 -1.17
N GLU A 159 12.89 7.17 -0.24
CA GLU A 159 12.15 6.38 0.74
C GLU A 159 10.79 6.01 0.15
N MET A 160 10.46 4.72 0.15
CA MET A 160 9.19 4.23 -0.42
C MET A 160 8.07 4.36 0.59
N GLN A 161 6.88 4.64 0.07
CA GLN A 161 5.65 4.68 0.86
C GLN A 161 4.65 3.73 0.16
N THR A 162 3.37 3.87 0.46
CA THR A 162 2.32 3.26 -0.35
C THR A 162 1.25 4.34 -0.65
N PRO A 163 0.41 4.19 -1.68
CA PRO A 163 0.25 2.96 -2.46
C PRO A 163 1.44 2.47 -3.29
N GLN A 164 1.45 1.17 -3.49
CA GLN A 164 2.18 0.50 -4.54
C GLN A 164 1.14 0.04 -5.56
N VAL A 165 1.29 0.45 -6.81
CA VAL A 165 0.27 0.25 -7.85
C VAL A 165 0.86 -0.61 -8.93
N ILE A 166 0.15 -1.68 -9.31
CA ILE A 166 0.68 -2.62 -10.28
C ILE A 166 -0.44 -3.29 -11.09
N LYS A 167 -0.14 -3.62 -12.34
CA LYS A 167 -1.07 -4.37 -13.18
C LYS A 167 -1.15 -5.80 -12.60
N PRO A 168 -2.38 -6.34 -12.41
CA PRO A 168 -2.50 -7.61 -11.68
C PRO A 168 -1.71 -8.78 -12.29
N GLU A 169 -1.68 -8.86 -13.62
CA GLU A 169 -0.90 -9.92 -14.28
C GLU A 169 0.59 -9.85 -13.95
N LEU A 170 1.09 -8.62 -13.84
CA LEU A 170 2.48 -8.36 -13.49
C LEU A 170 2.80 -8.89 -12.09
N LEU A 171 1.94 -8.54 -11.13
CA LEU A 171 2.10 -8.98 -9.74
C LEU A 171 1.96 -10.49 -9.61
N LYS A 172 1.01 -11.07 -10.34
CA LYS A 172 0.81 -12.54 -10.36
C LYS A 172 2.06 -13.27 -10.84
N LYS A 173 2.59 -12.84 -11.98
CA LYS A 173 3.86 -13.35 -12.51
C LYS A 173 5.01 -13.25 -11.49
N GLY A 174 5.04 -12.17 -10.74
CA GLY A 174 6.02 -11.96 -9.67
C GLY A 174 5.90 -12.97 -8.55
N PHE A 175 4.67 -13.21 -8.10
CA PHE A 175 4.42 -14.23 -7.07
C PHE A 175 4.75 -15.63 -7.61
N GLU A 176 4.35 -15.90 -8.85
CA GLU A 176 4.68 -17.16 -9.56
C GLU A 176 6.18 -17.46 -9.65
N LEU A 177 6.97 -16.43 -9.93
CA LEU A 177 8.44 -16.56 -10.06
C LEU A 177 9.11 -16.81 -8.72
N VAL A 178 8.77 -15.99 -7.72
CA VAL A 178 9.26 -16.14 -6.35
C VAL A 178 8.95 -17.55 -5.80
N LYS A 179 7.74 -18.02 -6.08
CA LYS A 179 7.25 -19.33 -5.61
C LYS A 179 8.00 -20.49 -6.26
N SER A 180 7.91 -20.59 -7.58
CA SER A 180 8.49 -21.72 -8.33
C SER A 180 10.00 -21.83 -8.12
N GLU A 181 10.71 -20.72 -8.31
CA GLU A 181 12.16 -20.66 -8.09
C GLU A 181 12.60 -20.41 -6.62
N GLY A 182 11.64 -20.33 -5.70
CA GLY A 182 11.92 -20.26 -4.25
C GLY A 182 12.72 -19.06 -3.76
N LEU A 183 12.45 -17.88 -4.31
CA LEU A 183 13.28 -16.68 -4.07
C LEU A 183 13.00 -16.01 -2.72
N ALA A 184 13.96 -15.19 -2.31
CA ALA A 184 13.94 -14.52 -1.00
C ALA A 184 13.27 -13.15 -1.08
N VAL A 185 12.18 -12.96 -0.33
CA VAL A 185 11.49 -11.67 -0.24
C VAL A 185 12.04 -10.92 0.97
N THR A 186 12.65 -9.75 0.73
CA THR A 186 13.38 -8.99 1.75
C THR A 186 12.72 -7.66 2.15
N ASP A 187 12.37 -6.85 1.16
CA ASP A 187 11.73 -5.54 1.40
C ASP A 187 10.43 -5.40 0.59
N ASP A 188 9.81 -4.22 0.61
CA ASP A 188 8.45 -4.04 0.07
C ASP A 188 8.33 -3.96 -1.46
N VAL A 189 9.45 -3.89 -2.17
CA VAL A 189 9.44 -3.96 -3.64
C VAL A 189 10.33 -5.11 -4.17
N SER A 190 10.58 -6.10 -3.30
CA SER A 190 11.47 -7.22 -3.61
C SER A 190 10.98 -8.12 -4.72
N ILE A 191 9.67 -8.34 -4.76
CA ILE A 191 9.07 -9.32 -5.68
C ILE A 191 9.23 -8.85 -7.12
N VAL A 192 8.84 -7.61 -7.39
CA VAL A 192 9.02 -7.02 -8.72
C VAL A 192 10.50 -6.84 -9.12
N GLU A 193 11.39 -6.68 -8.13
CA GLU A 193 12.84 -6.58 -8.39
C GLU A 193 13.41 -7.78 -9.16
N TYR A 194 12.80 -8.95 -8.98
CA TYR A 194 13.18 -10.16 -9.74
C TYR A 194 12.73 -10.14 -11.20
N LEU A 195 11.68 -9.37 -11.51
CA LEU A 195 11.22 -9.20 -12.87
C LEU A 195 12.04 -8.13 -13.61
N LYS A 196 11.98 -8.14 -14.92
CA LYS A 196 12.66 -7.14 -15.75
C LYS A 196 11.79 -5.90 -16.04
N HIS A 197 10.54 -5.89 -15.54
CA HIS A 197 9.62 -4.77 -15.77
C HIS A 197 10.06 -3.59 -14.92
N PRO A 198 9.98 -2.35 -15.48
CA PRO A 198 10.36 -1.18 -14.70
C PRO A 198 9.36 -0.85 -13.59
N VAL A 199 9.88 -0.23 -12.52
CA VAL A 199 9.09 0.25 -11.40
C VAL A 199 9.34 1.75 -11.30
N TYR A 200 8.30 2.54 -11.50
CA TYR A 200 8.37 3.99 -11.43
C TYR A 200 8.16 4.47 -10.00
N VAL A 201 8.87 5.53 -9.64
CA VAL A 201 8.74 6.13 -8.32
C VAL A 201 8.05 7.47 -8.50
N SER A 202 6.79 7.52 -8.07
CA SER A 202 5.96 8.72 -8.17
C SER A 202 6.31 9.59 -6.99
N GLN A 203 6.59 10.87 -7.22
CA GLN A 203 7.00 11.71 -6.09
C GLN A 203 5.79 12.07 -5.23
N GLY A 204 5.87 11.67 -3.96
CA GLY A 204 4.83 11.89 -2.99
C GLY A 204 5.14 13.05 -2.04
N SER A 205 4.52 12.99 -0.87
CA SER A 205 4.57 14.05 0.14
C SER A 205 5.15 13.47 1.42
N TYR A 206 5.97 14.28 2.10
CA TYR A 206 6.51 13.88 3.41
C TYR A 206 5.44 13.68 4.48
N THR A 207 4.26 14.25 4.28
CA THR A 207 3.14 14.08 5.20
C THR A 207 2.55 12.67 5.20
N ASN A 208 2.83 11.87 4.17
CA ASN A 208 2.33 10.49 4.09
C ASN A 208 3.17 9.54 4.97
N ILE A 209 3.14 9.79 6.27
CA ILE A 209 3.93 9.00 7.22
C ILE A 209 3.18 7.75 7.63
N LYS A 210 3.96 6.79 8.13
CA LYS A 210 3.46 5.55 8.69
C LYS A 210 3.33 5.79 10.19
N VAL A 211 2.12 5.55 10.72
CA VAL A 211 1.75 5.92 12.08
C VAL A 211 1.72 4.66 12.95
N THR A 212 2.88 4.32 13.53
CA THR A 212 3.08 3.08 14.30
C THR A 212 3.31 3.25 15.81
N THR A 213 3.60 4.46 16.29
CA THR A 213 3.76 4.72 17.73
C THR A 213 3.10 6.05 18.12
N PRO A 214 2.63 6.20 19.38
CA PRO A 214 1.97 7.42 19.88
C PRO A 214 2.56 8.79 19.49
N ASP A 215 3.87 8.86 19.26
CA ASP A 215 4.51 10.08 18.72
C ASP A 215 4.13 10.38 17.25
N ASP A 216 3.98 9.33 16.45
CA ASP A 216 3.48 9.47 15.07
C ASP A 216 2.04 9.96 15.08
N LEU A 217 1.23 9.31 15.92
CA LEU A 217 -0.16 9.71 16.19
C LEU A 217 -0.31 11.20 16.43
N LEU A 218 0.63 11.77 17.17
CA LEU A 218 0.64 13.21 17.46
C LEU A 218 0.97 13.98 16.17
N LEU A 219 2.02 13.57 15.45
CA LEU A 219 2.33 14.10 14.10
C LEU A 219 1.11 14.16 13.20
N ALA A 220 0.39 13.05 13.17
CA ALA A 220 -0.81 12.91 12.37
C ALA A 220 -1.85 13.99 12.69
N GLU A 221 -2.06 14.23 13.98
CA GLU A 221 -2.96 15.30 14.44
C GLU A 221 -2.55 16.71 13.98
N ARG A 222 -1.25 16.98 13.93
CA ARG A 222 -0.73 18.31 13.50
C ARG A 222 -0.92 18.46 11.99
N ILE A 223 -0.54 17.43 11.24
CA ILE A 223 -0.77 17.37 9.79
C ILE A 223 -2.26 17.49 9.45
N LEU A 224 -3.12 16.83 10.24
CA LEU A 224 -4.58 16.92 10.05
C LEU A 224 -5.17 18.31 10.35
N SER A 225 -4.36 19.21 10.91
CA SER A 225 -4.68 20.65 10.97
C SER A 225 -3.66 21.43 10.16
CL17 6BC B . 2.60 -4.90 -3.81
C16 6BC B . 4.06 -5.54 -3.64
N18 6BC B . 4.41 -6.05 -2.46
C4 6BC B . 5.60 -6.59 -2.22
C8 6BC B . 5.02 -5.55 -4.67
C6 6BC B . 6.23 -6.16 -4.38
O7 6BC B . 7.14 -6.19 -5.33
N5 6BC B . 6.50 -6.63 -3.18
N19 6BC B . 7.56 -7.19 -2.73
C20 6BC B . 7.37 -7.51 -1.48
C1 6BC B . 6.16 -7.14 -1.17
C2 6BC B . 5.57 -7.33 0.14
N3 6BC B . 5.19 -7.45 0.98
C9 6BC B . 4.71 -5.08 -5.97
C10 6BC B . 5.01 -3.77 -6.29
C15 6BC B . 6.27 -3.26 -6.17
C14 6BC B . 6.51 -1.96 -6.53
C13 6BC B . 5.53 -1.15 -7.03
C12 6BC B . 4.27 -1.66 -7.17
C11 6BC B . 4.05 -2.96 -6.81
K K C . 7.85 6.25 12.78
K K D . 7.28 -8.63 -17.51
CD CD E . -16.03 -7.10 -13.50
CD CD F . -9.46 10.84 -10.67
CD CD G . -12.39 -15.66 -2.81
#